data_7CVP
#
_entry.id   7CVP
#
_cell.length_a   43.101
_cell.length_b   121.638
_cell.length_c   59.372
_cell.angle_alpha   90.000
_cell.angle_beta   99.974
_cell.angle_gamma   90.000
#
_symmetry.space_group_name_H-M   'P 1 21 1'
#
loop_
_entity.id
_entity.type
_entity.pdbx_description
1 polymer 'D-3-phosphoglycerate dehydrogenase'
2 non-polymer NICOTINAMIDE-ADENINE-DINUCLEOTIDE
3 water water
#
_entity_poly.entity_id   1
_entity_poly.type   'polypeptide(L)'
_entity_poly.pdbx_seq_one_letter_code
;MGGSHHHHHHENLYFQGANLRKVLISDSLDPCCRKILQDGGLQVVEKQNLSKEELIAELQDCEGLIVRSATKVTADVINA
AEKLQVVGRAGTGVDNVDLEAATRKGILVMNTPNGNSLSAAELTCGMIMCLARQIPQATASMKDGKWERKKFMGTELNGK
TLGILGLGRIGREVATRMQSFGMKTIGYDPIISPEVSASFGVQQLPLEEIWPLCDFITVHTPLLPSTTGLLNDNTFAQCK
KGVRVVNCARGGIVDEGALLRALQSGQCAGAALDVFTEEPPRDRALVDHENVISCPHLGASTKEAQSRCGEEIAVQFVDM
VKGKSLTGV
;
_entity_poly.pdbx_strand_id   A,B
#
# COMPACT_ATOMS: atom_id res chain seq x y z
N ARG A 21 39.24 -12.77 -12.56
CA ARG A 21 39.65 -14.08 -13.16
C ARG A 21 38.66 -15.17 -12.72
N LYS A 22 38.46 -15.33 -11.41
CA LYS A 22 37.62 -16.38 -10.78
C LYS A 22 36.82 -15.75 -9.64
N VAL A 23 35.48 -15.85 -9.69
CA VAL A 23 34.55 -15.19 -8.73
C VAL A 23 33.52 -16.21 -8.23
N LEU A 24 33.25 -16.19 -6.92
CA LEU A 24 32.16 -16.95 -6.26
C LEU A 24 30.96 -16.00 -6.04
N ILE A 25 29.73 -16.50 -6.22
CA ILE A 25 28.47 -15.77 -5.91
C ILE A 25 27.89 -16.33 -4.61
N SER A 26 28.44 -15.88 -3.47
CA SER A 26 28.10 -16.37 -2.11
C SER A 26 26.59 -16.28 -1.87
N ASP A 27 25.97 -15.17 -2.28
CA ASP A 27 24.53 -14.85 -2.07
C ASP A 27 24.24 -14.79 -0.57
N PRO A 31 20.19 -15.87 -11.58
CA PRO A 31 20.81 -16.52 -12.76
C PRO A 31 21.29 -15.50 -13.81
N CYS A 32 20.82 -14.25 -13.70
CA CYS A 32 21.13 -13.11 -14.61
C CYS A 32 22.62 -12.76 -14.52
N CYS A 33 23.21 -12.93 -13.33
CA CYS A 33 24.59 -12.54 -12.97
C CYS A 33 25.60 -13.52 -13.59
N ARG A 34 25.40 -14.82 -13.35
CA ARG A 34 26.25 -15.93 -13.86
C ARG A 34 26.47 -15.77 -15.37
N LYS A 35 25.41 -15.45 -16.12
CA LYS A 35 25.39 -15.35 -17.60
C LYS A 35 26.25 -14.16 -18.07
N ILE A 36 25.97 -12.95 -17.59
CA ILE A 36 26.67 -11.69 -17.99
C ILE A 36 28.17 -11.82 -17.66
N LEU A 37 28.51 -12.44 -16.52
CA LEU A 37 29.89 -12.60 -16.00
C LEU A 37 30.65 -13.64 -16.83
N GLN A 38 30.02 -14.78 -17.13
CA GLN A 38 30.58 -15.86 -17.98
C GLN A 38 30.76 -15.36 -19.42
N ASP A 39 29.84 -14.50 -19.88
CA ASP A 39 29.86 -13.90 -21.25
C ASP A 39 31.13 -13.06 -21.41
N GLY A 40 31.49 -12.28 -20.38
CA GLY A 40 32.73 -11.47 -20.33
C GLY A 40 33.97 -12.34 -20.27
N GLU A 58 35.05 -21.58 0.78
CA GLU A 58 35.39 -22.09 -0.58
C GLU A 58 35.72 -20.92 -1.53
N LEU A 59 36.35 -19.87 -1.02
CA LEU A 59 36.80 -18.69 -1.81
C LEU A 59 38.33 -18.62 -1.81
N GLN A 60 38.99 -19.77 -1.82
CA GLN A 60 40.46 -19.95 -1.64
C GLN A 60 41.19 -19.55 -2.92
N ASP A 61 40.64 -19.89 -4.10
CA ASP A 61 41.26 -19.64 -5.43
C ASP A 61 40.41 -18.64 -6.23
N CYS A 62 39.80 -17.66 -5.56
CA CYS A 62 38.86 -16.67 -6.14
C CYS A 62 39.52 -15.28 -6.19
N GLU A 63 39.39 -14.59 -7.33
CA GLU A 63 39.84 -13.18 -7.53
C GLU A 63 38.79 -12.24 -6.95
N GLY A 64 37.50 -12.48 -7.26
CA GLY A 64 36.36 -11.67 -6.78
C GLY A 64 35.39 -12.48 -5.94
N LEU A 65 34.31 -11.83 -5.48
CA LEU A 65 33.16 -12.44 -4.77
C LEU A 65 31.93 -11.56 -4.96
N ILE A 66 30.74 -12.16 -5.06
CA ILE A 66 29.43 -11.44 -5.15
C ILE A 66 28.52 -11.94 -4.01
N VAL A 67 27.65 -11.06 -3.51
CA VAL A 67 26.61 -11.39 -2.48
C VAL A 67 25.35 -10.56 -2.76
N ARG A 68 24.32 -10.76 -1.94
CA ARG A 68 23.11 -9.90 -1.84
C ARG A 68 22.93 -9.52 -0.36
N SER A 69 22.54 -10.49 0.47
CA SER A 69 22.30 -10.32 1.93
C SER A 69 22.80 -11.57 2.70
N VAL A 73 30.28 -11.01 4.99
CA VAL A 73 31.70 -10.69 4.66
C VAL A 73 32.36 -10.06 5.91
N THR A 74 32.72 -10.91 6.88
CA THR A 74 33.38 -10.52 8.15
C THR A 74 34.86 -10.21 7.90
N ALA A 75 35.51 -9.56 8.87
CA ALA A 75 36.95 -9.17 8.83
C ALA A 75 37.81 -10.43 8.61
N ASP A 76 37.48 -11.52 9.30
CA ASP A 76 38.16 -12.84 9.18
C ASP A 76 38.02 -13.36 7.75
N VAL A 77 36.83 -13.23 7.15
CA VAL A 77 36.51 -13.64 5.75
C VAL A 77 37.47 -12.92 4.79
N ILE A 78 37.63 -11.60 4.98
CA ILE A 78 38.53 -10.73 4.16
C ILE A 78 39.97 -11.21 4.35
N VAL A 86 38.25 -7.49 -5.72
CA VAL A 86 36.99 -6.70 -5.94
C VAL A 86 35.82 -7.51 -5.38
N VAL A 87 34.90 -6.85 -4.67
CA VAL A 87 33.68 -7.45 -4.06
C VAL A 87 32.45 -6.65 -4.49
N GLY A 88 31.31 -7.32 -4.66
CA GLY A 88 30.05 -6.74 -5.16
C GLY A 88 28.85 -7.17 -4.33
N ARG A 89 28.00 -6.20 -3.95
CA ARG A 89 26.69 -6.42 -3.26
C ARG A 89 25.56 -6.15 -4.25
N ALA A 90 24.66 -7.11 -4.44
CA ALA A 90 23.38 -6.92 -5.15
C ALA A 90 22.43 -6.16 -4.21
N GLY A 91 22.52 -4.83 -4.18
CA GLY A 91 21.74 -3.95 -3.30
C GLY A 91 22.35 -2.55 -3.17
N THR A 92 21.83 -1.74 -2.24
CA THR A 92 22.25 -0.33 -1.98
C THR A 92 23.13 -0.29 -0.72
N LEU A 108 38.46 -3.42 -3.42
CA LEU A 108 37.50 -2.38 -3.87
C LEU A 108 36.08 -2.94 -3.84
N VAL A 109 35.26 -2.48 -2.89
CA VAL A 109 33.83 -2.90 -2.72
C VAL A 109 32.98 -2.11 -3.73
N MET A 110 31.92 -2.74 -4.25
CA MET A 110 30.97 -2.15 -5.24
C MET A 110 29.56 -2.68 -4.98
N ASN A 111 28.53 -1.90 -5.32
CA ASN A 111 27.10 -2.28 -5.14
C ASN A 111 26.30 -1.77 -6.35
N THR A 112 24.98 -1.94 -6.31
CA THR A 112 24.03 -1.60 -7.40
C THR A 112 23.01 -0.59 -6.88
N PRO A 113 23.37 0.71 -6.79
CA PRO A 113 22.54 1.71 -6.12
C PRO A 113 21.11 1.85 -6.69
N ASN A 114 20.95 1.72 -8.01
CA ASN A 114 19.70 2.07 -8.74
C ASN A 114 18.69 0.91 -8.70
N GLY A 115 19.13 -0.32 -8.41
CA GLY A 115 18.38 -1.57 -8.61
C GLY A 115 17.12 -1.69 -7.74
N ASN A 116 17.20 -1.31 -6.46
CA ASN A 116 16.13 -1.50 -5.45
C ASN A 116 15.30 -0.22 -5.29
N SER A 117 15.54 0.81 -6.10
CA SER A 117 15.02 2.18 -5.91
C SER A 117 13.48 2.18 -5.91
N LEU A 118 12.86 1.68 -6.99
CA LEU A 118 11.39 1.69 -7.16
C LEU A 118 10.74 0.73 -6.15
N SER A 119 11.35 -0.44 -5.93
CA SER A 119 10.79 -1.52 -5.09
C SER A 119 10.75 -1.09 -3.62
N ALA A 120 11.77 -0.37 -3.16
CA ALA A 120 11.80 0.26 -1.81
C ALA A 120 10.77 1.41 -1.76
N ALA A 121 10.59 2.14 -2.87
CA ALA A 121 9.69 3.30 -3.00
C ALA A 121 8.24 2.85 -3.03
N GLU A 122 7.97 1.62 -3.48
CA GLU A 122 6.60 1.07 -3.60
C GLU A 122 6.15 0.58 -2.22
N LEU A 123 7.05 -0.08 -1.50
CA LEU A 123 6.83 -0.47 -0.08
C LEU A 123 6.41 0.76 0.75
N THR A 124 7.11 1.89 0.62
CA THR A 124 6.90 3.14 1.41
C THR A 124 5.48 3.68 1.23
N CYS A 125 5.06 3.88 -0.01
CA CYS A 125 3.68 4.28 -0.38
C CYS A 125 2.72 3.30 0.29
N GLY A 126 3.08 2.01 0.30
CA GLY A 126 2.29 0.92 0.90
C GLY A 126 2.13 1.11 2.39
N MET A 127 3.26 1.24 3.09
CA MET A 127 3.34 1.62 4.54
C MET A 127 2.44 2.84 4.80
N ILE A 128 2.46 3.86 3.92
CA ILE A 128 1.76 5.16 4.12
C ILE A 128 0.24 4.90 4.15
N MET A 129 -0.25 4.15 3.17
CA MET A 129 -1.69 3.84 3.03
C MET A 129 -2.13 2.85 4.11
N CYS A 130 -1.27 1.87 4.43
CA CYS A 130 -1.42 0.94 5.58
C CYS A 130 -1.57 1.70 6.91
N LEU A 131 -0.72 2.70 7.15
CA LEU A 131 -0.79 3.55 8.38
C LEU A 131 -2.07 4.39 8.40
N ALA A 132 -2.57 4.80 7.22
CA ALA A 132 -3.75 5.68 7.04
C ALA A 132 -5.04 4.92 7.32
N ARG A 133 -5.11 3.61 7.01
CA ARG A 133 -6.36 2.80 7.06
C ARG A 133 -6.16 1.48 7.84
N GLN A 134 -5.01 1.29 8.47
CA GLN A 134 -4.73 0.23 9.47
C GLN A 134 -4.94 -1.17 8.88
N ILE A 135 -4.62 -1.36 7.59
CA ILE A 135 -4.98 -2.60 6.82
C ILE A 135 -4.47 -3.83 7.54
N PRO A 136 -3.17 -3.89 7.94
CA PRO A 136 -2.60 -5.08 8.59
C PRO A 136 -3.16 -5.45 9.96
N GLN A 137 -3.75 -4.47 10.67
CA GLN A 137 -4.37 -4.65 12.02
C GLN A 137 -5.85 -5.00 11.85
N ALA A 138 -6.48 -4.52 10.76
CA ALA A 138 -7.85 -4.91 10.32
C ALA A 138 -7.84 -6.36 9.84
N THR A 139 -6.80 -6.78 9.10
CA THR A 139 -6.64 -8.17 8.59
C THR A 139 -6.58 -9.12 9.79
N ALA A 140 -5.67 -8.87 10.73
CA ALA A 140 -5.43 -9.73 11.92
C ALA A 140 -6.71 -9.82 12.77
N SER A 141 -7.45 -8.70 12.88
CA SER A 141 -8.78 -8.60 13.54
C SER A 141 -9.77 -9.56 12.88
N MET A 142 -9.95 -9.43 11.55
CA MET A 142 -10.84 -10.31 10.73
C MET A 142 -10.42 -11.78 10.87
N LYS A 143 -9.12 -12.09 10.77
CA LYS A 143 -8.57 -13.47 10.93
C LYS A 143 -8.79 -14.02 12.36
N ASP A 144 -8.95 -13.16 13.38
CA ASP A 144 -9.33 -13.58 14.76
C ASP A 144 -10.85 -13.69 14.87
N GLY A 145 -11.56 -13.57 13.74
CA GLY A 145 -13.01 -13.76 13.63
C GLY A 145 -13.79 -12.52 14.03
N LYS A 146 -13.10 -11.40 14.31
CA LYS A 146 -13.72 -10.13 14.81
C LYS A 146 -14.10 -9.23 13.63
N TRP A 147 -15.14 -8.41 13.83
CA TRP A 147 -15.70 -7.43 12.85
C TRP A 147 -15.72 -6.02 13.49
N GLU A 148 -14.55 -5.35 13.52
CA GLU A 148 -14.25 -4.20 14.41
C GLU A 148 -14.31 -2.88 13.63
N ARG A 149 -15.52 -2.36 13.39
CA ARG A 149 -15.81 -1.16 12.54
C ARG A 149 -15.21 0.11 13.17
N LYS A 150 -15.78 0.59 14.28
CA LYS A 150 -15.41 1.85 14.97
C LYS A 150 -13.89 1.91 15.19
N LYS A 151 -13.31 0.81 15.67
CA LYS A 151 -11.89 0.70 16.11
C LYS A 151 -10.96 1.26 15.03
N PHE A 152 -11.23 0.94 13.77
CA PHE A 152 -10.31 1.14 12.62
C PHE A 152 -10.73 2.36 11.79
N MET A 153 -11.51 3.29 12.38
CA MET A 153 -11.83 4.60 11.76
C MET A 153 -10.50 5.27 11.37
N GLY A 154 -10.28 5.48 10.07
CA GLY A 154 -8.97 5.84 9.49
C GLY A 154 -8.91 7.28 8.96
N THR A 155 -7.84 7.60 8.23
CA THR A 155 -7.47 8.96 7.77
C THR A 155 -7.43 8.98 6.25
N GLU A 156 -8.00 10.02 5.62
CA GLU A 156 -7.97 10.23 4.15
C GLU A 156 -6.69 10.99 3.76
N LEU A 157 -5.99 10.54 2.71
CA LEU A 157 -4.65 11.06 2.32
C LEU A 157 -4.82 12.39 1.59
N ASN A 158 -5.93 12.57 0.86
CA ASN A 158 -6.15 13.76 -0.01
C ASN A 158 -6.06 15.03 0.85
N GLY A 159 -5.17 15.96 0.46
CA GLY A 159 -4.98 17.27 1.11
C GLY A 159 -4.05 17.21 2.32
N LYS A 160 -3.53 16.03 2.67
CA LYS A 160 -2.57 15.87 3.79
C LYS A 160 -1.18 16.27 3.29
N THR A 161 -0.28 16.58 4.22
CA THR A 161 1.11 17.03 3.94
C THR A 161 2.08 15.91 4.30
N LEU A 162 2.76 15.33 3.29
CA LEU A 162 3.85 14.33 3.47
C LEU A 162 5.19 15.06 3.54
N GLY A 163 6.02 14.77 4.56
CA GLY A 163 7.41 15.23 4.69
C GLY A 163 8.40 14.12 4.31
N ILE A 164 9.35 14.42 3.40
CA ILE A 164 10.30 13.42 2.82
C ILE A 164 11.73 13.84 3.15
N LEU A 165 12.48 13.00 3.87
CA LEU A 165 13.87 13.28 4.30
C LEU A 165 14.83 12.48 3.40
N GLY A 166 15.78 13.19 2.77
CA GLY A 166 16.64 12.69 1.69
C GLY A 166 15.82 12.47 0.43
N LEU A 167 16.13 13.21 -0.64
CA LEU A 167 15.37 13.18 -1.92
C LEU A 167 16.28 12.65 -3.04
N GLY A 168 17.02 11.58 -2.76
CA GLY A 168 17.82 10.86 -3.78
C GLY A 168 16.92 10.12 -4.75
N ARG A 169 17.25 8.86 -5.03
CA ARG A 169 16.58 7.99 -6.02
C ARG A 169 15.12 7.74 -5.60
N ILE A 170 14.88 7.40 -4.33
CA ILE A 170 13.58 6.86 -3.82
C ILE A 170 12.66 8.04 -3.42
N GLY A 171 13.23 9.09 -2.79
CA GLY A 171 12.47 10.28 -2.37
C GLY A 171 11.54 10.81 -3.45
N ARG A 172 12.07 11.05 -4.65
CA ARG A 172 11.32 11.62 -5.81
C ARG A 172 10.28 10.61 -6.32
N GLU A 173 10.60 9.30 -6.32
CA GLU A 173 9.68 8.21 -6.77
C GLU A 173 8.48 8.16 -5.82
N VAL A 174 8.75 8.17 -4.50
CA VAL A 174 7.75 8.27 -3.41
C VAL A 174 6.90 9.52 -3.67
N ALA A 175 7.56 10.68 -3.80
CA ALA A 175 6.96 12.03 -3.81
C ALA A 175 5.92 12.14 -4.93
N THR A 176 6.33 11.87 -6.17
CA THR A 176 5.48 11.89 -7.41
C THR A 176 4.28 10.95 -7.20
N ARG A 177 4.53 9.73 -6.74
CA ARG A 177 3.46 8.71 -6.57
C ARG A 177 2.37 9.27 -5.65
N MET A 178 2.72 9.84 -4.51
CA MET A 178 1.73 10.21 -3.44
C MET A 178 1.11 11.58 -3.77
N GLN A 179 1.77 12.36 -4.64
CA GLN A 179 1.19 13.53 -5.34
C GLN A 179 -0.09 13.12 -6.05
N SER A 180 -0.12 11.92 -6.64
CA SER A 180 -1.31 11.36 -7.34
C SER A 180 -2.49 11.25 -6.37
N PHE A 181 -2.25 10.98 -5.09
CA PHE A 181 -3.28 10.83 -4.03
C PHE A 181 -3.65 12.18 -3.40
N GLY A 182 -3.07 13.28 -3.89
CA GLY A 182 -3.38 14.65 -3.43
C GLY A 182 -2.63 15.02 -2.17
N MET A 183 -1.51 14.35 -1.90
CA MET A 183 -0.63 14.67 -0.76
C MET A 183 0.31 15.82 -1.17
N LYS A 184 0.32 16.90 -0.39
CA LYS A 184 1.24 18.05 -0.52
C LYS A 184 2.62 17.55 -0.08
N THR A 185 3.63 17.59 -0.94
CA THR A 185 4.95 16.98 -0.64
C THR A 185 5.97 18.10 -0.40
N ILE A 186 6.34 18.28 0.87
CA ILE A 186 7.47 19.16 1.32
C ILE A 186 8.65 18.23 1.64
N GLY A 187 9.87 18.76 1.69
CA GLY A 187 11.10 17.94 1.74
C GLY A 187 12.34 18.71 2.18
N TYR A 188 13.43 17.98 2.44
CA TYR A 188 14.73 18.55 2.88
C TYR A 188 15.87 17.58 2.53
N ASP A 189 17.00 18.14 2.12
CA ASP A 189 18.17 17.41 1.57
C ASP A 189 19.36 18.37 1.49
N PRO A 190 20.51 18.04 2.10
CA PRO A 190 21.65 18.95 2.12
C PRO A 190 22.37 19.12 0.78
N ILE A 191 22.32 18.14 -0.13
CA ILE A 191 23.04 18.22 -1.44
C ILE A 191 22.03 18.55 -2.55
N ILE A 192 20.95 17.78 -2.71
CA ILE A 192 19.93 17.98 -3.80
C ILE A 192 19.36 19.40 -3.67
N SER A 193 19.42 20.17 -4.77
CA SER A 193 19.02 21.61 -4.84
C SER A 193 17.50 21.73 -4.84
N PRO A 194 16.94 22.92 -4.52
CA PRO A 194 15.50 23.17 -4.64
C PRO A 194 15.04 23.15 -6.11
N GLU A 195 15.87 23.68 -7.01
CA GLU A 195 15.63 23.64 -8.47
C GLU A 195 15.32 22.20 -8.90
N VAL A 196 16.05 21.21 -8.37
CA VAL A 196 15.89 19.76 -8.67
C VAL A 196 14.61 19.24 -8.02
N SER A 197 14.36 19.57 -6.75
CA SER A 197 13.19 19.08 -5.97
C SER A 197 11.89 19.67 -6.54
N ALA A 198 11.90 20.95 -6.92
CA ALA A 198 10.74 21.65 -7.52
C ALA A 198 10.33 20.96 -8.83
N SER A 199 11.26 20.25 -9.48
CA SER A 199 11.06 19.55 -10.77
C SER A 199 10.26 18.24 -10.56
N PHE A 200 10.19 17.73 -9.33
CA PHE A 200 9.33 16.58 -8.95
C PHE A 200 8.46 16.95 -7.73
N GLY A 201 8.04 18.22 -7.65
CA GLY A 201 6.90 18.71 -6.87
C GLY A 201 7.18 18.77 -5.38
N VAL A 202 8.45 18.77 -4.97
CA VAL A 202 8.86 18.86 -3.55
C VAL A 202 9.43 20.25 -3.28
N GLN A 203 8.70 21.07 -2.52
CA GLN A 203 9.14 22.34 -1.92
C GLN A 203 10.11 22.04 -0.76
N GLN A 204 11.40 22.29 -0.96
CA GLN A 204 12.43 22.16 0.11
C GLN A 204 12.27 23.32 1.10
N LEU A 205 12.24 23.00 2.39
CA LEU A 205 12.34 23.95 3.55
C LEU A 205 13.29 23.36 4.57
N PRO A 206 13.80 24.14 5.54
CA PRO A 206 14.58 23.58 6.64
C PRO A 206 13.73 22.70 7.58
N LEU A 207 14.38 21.72 8.21
CA LEU A 207 13.76 20.69 9.09
C LEU A 207 12.83 21.32 10.14
N GLU A 208 13.11 22.55 10.59
CA GLU A 208 12.34 23.24 11.67
C GLU A 208 11.00 23.76 11.12
N GLU A 209 10.91 24.07 9.83
CA GLU A 209 9.65 24.50 9.13
C GLU A 209 8.85 23.27 8.68
N ILE A 210 9.49 22.09 8.63
CA ILE A 210 8.92 20.79 8.15
C ILE A 210 8.06 20.14 9.24
N TRP A 211 8.55 20.05 10.47
CA TRP A 211 7.94 19.27 11.59
C TRP A 211 6.48 19.67 11.83
N PRO A 212 6.17 20.96 12.11
CA PRO A 212 4.80 21.33 12.48
C PRO A 212 3.76 21.35 11.34
N LEU A 213 4.17 21.00 10.11
CA LEU A 213 3.29 20.98 8.90
C LEU A 213 2.85 19.55 8.56
N CYS A 214 3.62 18.54 8.99
CA CYS A 214 3.55 17.15 8.50
C CYS A 214 2.42 16.36 9.17
N ASP A 215 1.61 15.67 8.36
CA ASP A 215 0.65 14.62 8.79
C ASP A 215 1.39 13.27 8.71
N PHE A 216 2.24 13.12 7.70
CA PHE A 216 3.16 11.96 7.54
C PHE A 216 4.58 12.49 7.30
N ILE A 217 5.57 11.70 7.72
CA ILE A 217 7.04 11.93 7.55
C ILE A 217 7.67 10.59 7.14
N THR A 218 8.53 10.60 6.13
CA THR A 218 9.18 9.39 5.56
C THR A 218 10.64 9.72 5.25
N VAL A 219 11.52 8.73 5.43
CA VAL A 219 12.99 8.90 5.48
C VAL A 219 13.62 8.06 4.37
N HIS A 220 14.36 8.71 3.46
CA HIS A 220 15.10 8.09 2.33
C HIS A 220 16.48 8.74 2.24
N THR A 221 17.19 8.75 3.38
CA THR A 221 18.60 9.17 3.53
C THR A 221 19.46 7.93 3.77
N PRO A 222 20.76 7.96 3.42
CA PRO A 222 21.69 6.92 3.88
C PRO A 222 21.85 7.03 5.40
N LEU A 223 22.49 6.04 6.02
CA LEU A 223 22.77 6.02 7.48
C LEU A 223 24.14 6.65 7.72
N LEU A 224 24.15 7.86 8.30
CA LEU A 224 25.35 8.64 8.69
C LEU A 224 25.18 9.08 10.14
N PRO A 225 26.20 9.69 10.77
CA PRO A 225 26.03 10.28 12.10
C PRO A 225 24.97 11.39 12.08
N SER A 226 24.91 12.15 10.98
CA SER A 226 24.02 13.33 10.80
C SER A 226 22.56 12.90 10.60
N THR A 227 22.33 11.63 10.24
CA THR A 227 20.98 11.05 10.06
C THR A 227 20.66 10.06 11.20
N THR A 228 21.66 9.40 11.79
CA THR A 228 21.50 8.58 13.03
C THR A 228 20.74 9.42 14.07
N GLY A 229 19.45 9.13 14.25
CA GLY A 229 18.56 9.85 15.18
C GLY A 229 17.97 11.11 14.56
N LEU A 230 17.79 11.11 13.23
CA LEU A 230 17.18 12.25 12.49
C LEU A 230 15.81 12.56 13.09
N LEU A 231 15.00 11.55 13.40
CA LEU A 231 13.74 11.72 14.18
C LEU A 231 13.97 11.21 15.60
N ASN A 232 14.14 12.15 16.54
CA ASN A 232 14.30 11.91 17.99
C ASN A 232 13.17 12.66 18.71
N ASP A 233 13.30 12.89 20.02
CA ASP A 233 12.27 13.52 20.90
C ASP A 233 12.15 15.01 20.57
N ASN A 234 13.28 15.70 20.34
CA ASN A 234 13.34 17.12 19.91
C ASN A 234 12.49 17.32 18.66
N THR A 235 12.55 16.38 17.71
CA THR A 235 11.85 16.46 16.40
C THR A 235 10.37 16.14 16.60
N PHE A 236 10.08 15.09 17.37
CA PHE A 236 8.68 14.65 17.69
C PHE A 236 7.94 15.80 18.40
N ALA A 237 8.67 16.58 19.20
CA ALA A 237 8.13 17.68 20.04
C ALA A 237 7.63 18.84 19.17
N GLN A 238 8.10 18.94 17.92
CA GLN A 238 7.76 20.03 16.95
C GLN A 238 6.69 19.57 15.97
N CYS A 239 6.55 18.25 15.79
CA CYS A 239 5.57 17.61 14.86
C CYS A 239 4.13 17.89 15.32
N LYS A 240 3.17 17.73 14.41
CA LYS A 240 1.72 17.81 14.72
C LYS A 240 1.33 16.60 15.56
N LYS A 241 0.44 16.79 16.54
CA LYS A 241 -0.13 15.72 17.39
C LYS A 241 -0.63 14.59 16.48
N GLY A 242 -0.19 13.35 16.75
CA GLY A 242 -0.55 12.16 15.98
C GLY A 242 0.03 12.21 14.58
N VAL A 243 1.24 12.72 14.42
CA VAL A 243 2.05 12.51 13.18
C VAL A 243 2.21 11.00 12.97
N ARG A 244 2.19 10.55 11.72
CA ARG A 244 2.54 9.17 11.31
C ARG A 244 3.88 9.20 10.61
N VAL A 245 4.65 8.12 10.71
CA VAL A 245 6.11 8.07 10.44
C VAL A 245 6.42 6.74 9.75
N VAL A 246 7.36 6.75 8.81
CA VAL A 246 7.76 5.57 7.98
C VAL A 246 9.28 5.55 7.94
N ASN A 247 9.90 4.37 8.12
CA ASN A 247 11.35 4.18 7.91
C ASN A 247 11.58 2.90 7.07
N CYS A 248 11.74 3.09 5.76
CA CYS A 248 12.02 2.02 4.76
C CYS A 248 13.45 2.14 4.21
N ALA A 249 14.37 2.70 5.01
CA ALA A 249 15.73 3.11 4.60
C ALA A 249 16.79 2.33 5.39
N ARG A 250 17.19 2.80 6.58
CA ARG A 250 18.14 2.08 7.47
C ARG A 250 17.64 2.12 8.91
N GLY A 251 17.98 1.09 9.69
CA GLY A 251 17.72 1.03 11.14
C GLY A 251 18.60 2.04 11.87
N GLY A 252 17.98 3.00 12.56
CA GLY A 252 18.68 3.98 13.42
C GLY A 252 18.38 5.41 13.03
N ILE A 253 17.89 5.66 11.81
CA ILE A 253 17.63 7.03 11.28
C ILE A 253 16.49 7.64 12.09
N VAL A 254 15.46 6.84 12.36
CA VAL A 254 14.50 7.10 13.46
C VAL A 254 15.06 6.46 14.72
N ASP A 255 15.29 7.28 15.75
CA ASP A 255 15.63 6.86 17.14
C ASP A 255 14.47 6.01 17.65
N GLU A 256 14.72 4.73 17.92
CA GLU A 256 13.68 3.76 18.35
C GLU A 256 13.23 4.08 19.77
N GLY A 257 14.18 4.46 20.63
CA GLY A 257 13.90 5.02 21.97
C GLY A 257 12.84 6.10 21.86
N ALA A 258 13.02 7.06 20.94
CA ALA A 258 12.19 8.26 20.78
C ALA A 258 10.81 7.90 20.21
N LEU A 259 10.76 6.91 19.31
CA LEU A 259 9.52 6.57 18.57
C LEU A 259 8.54 5.90 19.54
N LEU A 260 9.04 5.11 20.50
CA LEU A 260 8.17 4.49 21.53
C LEU A 260 7.47 5.60 22.32
N ARG A 261 8.22 6.57 22.86
CA ARG A 261 7.68 7.66 23.72
C ARG A 261 6.59 8.44 22.97
N ALA A 262 6.87 8.84 21.72
CA ALA A 262 5.92 9.48 20.79
C ALA A 262 4.67 8.60 20.67
N LEU A 263 4.84 7.30 20.44
CA LEU A 263 3.72 6.34 20.30
C LEU A 263 2.91 6.33 21.59
N GLN A 264 3.60 6.28 22.73
CA GLN A 264 3.02 6.03 24.08
C GLN A 264 2.15 7.23 24.50
N SER A 265 2.51 8.44 24.07
CA SER A 265 1.84 9.72 24.44
C SER A 265 0.78 10.11 23.42
N GLY A 266 0.68 9.38 22.30
CA GLY A 266 -0.19 9.72 21.16
C GLY A 266 0.43 10.72 20.19
N GLN A 267 1.62 11.26 20.48
CA GLN A 267 2.33 12.27 19.65
C GLN A 267 2.53 11.70 18.24
N CYS A 268 2.95 10.42 18.15
CA CYS A 268 3.01 9.59 16.92
C CYS A 268 1.78 8.67 16.88
N ALA A 269 0.97 8.76 15.83
CA ALA A 269 -0.37 8.11 15.70
C ALA A 269 -0.22 6.69 15.16
N GLY A 270 0.78 6.49 14.31
CA GLY A 270 1.18 5.19 13.75
C GLY A 270 2.66 5.18 13.38
N ALA A 271 3.19 4.02 13.01
CA ALA A 271 4.58 3.87 12.52
C ALA A 271 4.68 2.57 11.71
N ALA A 272 5.39 2.64 10.58
CA ALA A 272 5.62 1.51 9.64
C ALA A 272 7.13 1.33 9.47
N LEU A 273 7.66 0.19 9.93
CA LEU A 273 9.13 -0.07 9.96
C LEU A 273 9.41 -1.31 9.12
N ASP A 274 10.34 -1.15 8.17
CA ASP A 274 10.95 -2.25 7.39
C ASP A 274 12.32 -2.58 8.00
N VAL A 275 12.85 -1.70 8.87
CA VAL A 275 14.28 -1.65 9.29
C VAL A 275 14.38 -1.33 10.78
N PHE A 276 15.39 -1.90 11.44
CA PHE A 276 15.65 -1.77 12.90
C PHE A 276 17.17 -1.66 13.14
N THR A 277 17.57 -0.98 14.22
CA THR A 277 19.00 -0.79 14.60
C THR A 277 19.66 -2.16 14.77
N GLU A 278 18.85 -3.15 15.14
CA GLU A 278 19.22 -4.57 15.32
C GLU A 278 18.23 -5.39 14.49
N GLU A 279 18.72 -6.35 13.69
CA GLU A 279 17.87 -7.13 12.75
C GLU A 279 18.23 -8.61 12.81
N PRO A 280 17.33 -9.49 13.32
CA PRO A 280 16.02 -9.09 13.84
C PRO A 280 16.08 -8.32 15.16
N PRO A 281 15.10 -7.41 15.41
CA PRO A 281 15.10 -6.57 16.62
C PRO A 281 14.90 -7.41 17.89
N ARG A 282 15.79 -7.24 18.87
CA ARG A 282 15.79 -7.99 20.15
C ARG A 282 14.64 -7.44 21.00
N ASP A 283 14.67 -6.13 21.27
CA ASP A 283 13.60 -5.37 21.96
C ASP A 283 12.39 -5.34 21.01
N ARG A 284 11.24 -5.84 21.46
CA ARG A 284 10.01 -6.03 20.65
C ARG A 284 8.97 -4.95 20.98
N ALA A 285 9.35 -3.90 21.73
CA ALA A 285 8.44 -2.84 22.20
C ALA A 285 7.69 -2.24 20.99
N LEU A 286 8.40 -1.94 19.91
CA LEU A 286 7.82 -1.33 18.67
C LEU A 286 6.97 -2.36 17.92
N VAL A 287 7.54 -3.48 17.45
CA VAL A 287 6.82 -4.55 16.68
C VAL A 287 5.47 -4.87 17.35
N ASP A 288 5.46 -5.11 18.67
CA ASP A 288 4.26 -5.58 19.41
C ASP A 288 3.25 -4.44 19.62
N HIS A 289 3.65 -3.16 19.53
CA HIS A 289 2.75 -1.99 19.71
C HIS A 289 1.69 -2.00 18.60
N GLU A 290 0.42 -1.91 18.96
CA GLU A 290 -0.74 -2.14 18.03
C GLU A 290 -0.65 -1.16 16.84
N ASN A 291 -0.23 0.08 17.10
CA ASN A 291 -0.13 1.19 16.11
C ASN A 291 1.21 1.13 15.35
N VAL A 292 1.98 0.05 15.47
CA VAL A 292 3.23 -0.20 14.70
C VAL A 292 3.00 -1.37 13.75
N ILE A 293 3.09 -1.13 12.44
CA ILE A 293 3.13 -2.21 11.40
C ILE A 293 4.59 -2.34 10.95
N SER A 294 5.01 -3.54 10.56
CA SER A 294 6.44 -3.82 10.24
C SER A 294 6.55 -4.88 9.15
N CYS A 295 7.74 -4.96 8.56
CA CYS A 295 8.20 -6.02 7.63
C CYS A 295 9.63 -6.42 8.01
N PRO A 296 10.06 -7.66 7.67
CA PRO A 296 11.44 -8.09 7.87
C PRO A 296 12.42 -7.62 6.77
N HIS A 297 12.54 -6.30 6.60
CA HIS A 297 13.50 -5.63 5.68
C HIS A 297 13.23 -6.10 4.25
N LEU A 298 12.01 -5.85 3.74
CA LEU A 298 11.48 -6.38 2.45
C LEU A 298 11.60 -5.33 1.32
N GLY A 299 12.05 -4.11 1.61
CA GLY A 299 12.17 -3.01 0.63
C GLY A 299 12.79 -3.45 -0.68
N ALA A 300 13.73 -4.41 -0.64
CA ALA A 300 14.51 -4.90 -1.80
C ALA A 300 14.17 -6.37 -2.11
N SER A 301 12.99 -6.84 -1.68
CA SER A 301 12.51 -8.24 -1.88
C SER A 301 11.36 -8.26 -2.90
N THR A 302 11.72 -8.22 -4.18
CA THR A 302 10.84 -8.50 -5.35
C THR A 302 11.67 -9.27 -6.39
N LYS A 303 11.01 -10.04 -7.25
CA LYS A 303 11.68 -10.78 -8.38
C LYS A 303 12.27 -9.76 -9.36
N GLU A 304 11.60 -8.62 -9.53
CA GLU A 304 12.02 -7.50 -10.42
C GLU A 304 13.36 -6.92 -9.94
N ALA A 305 13.43 -6.55 -8.66
CA ALA A 305 14.58 -5.86 -8.02
C ALA A 305 15.83 -6.75 -8.05
N GLN A 306 15.69 -8.03 -7.67
CA GLN A 306 16.82 -9.00 -7.53
C GLN A 306 17.34 -9.40 -8.92
N SER A 307 16.47 -9.39 -9.94
CA SER A 307 16.86 -9.49 -11.37
C SER A 307 17.76 -8.32 -11.76
N ARG A 308 17.31 -7.09 -11.48
CA ARG A 308 17.97 -5.83 -11.91
C ARG A 308 19.30 -5.64 -11.14
N CYS A 309 19.35 -6.01 -9.87
CA CYS A 309 20.56 -5.91 -9.01
C CYS A 309 21.58 -6.99 -9.43
N GLY A 310 21.10 -8.19 -9.78
CA GLY A 310 21.93 -9.30 -10.31
C GLY A 310 22.66 -8.92 -11.59
N GLU A 311 22.03 -8.10 -12.45
CA GLU A 311 22.63 -7.61 -13.73
C GLU A 311 23.61 -6.47 -13.43
N GLU A 312 23.10 -5.38 -12.84
CA GLU A 312 23.85 -4.12 -12.53
C GLU A 312 25.23 -4.46 -11.96
N ILE A 313 25.32 -5.47 -11.09
CA ILE A 313 26.59 -5.92 -10.42
C ILE A 313 27.51 -6.62 -11.43
N ALA A 314 26.96 -7.51 -12.28
CA ALA A 314 27.70 -8.35 -13.25
C ALA A 314 28.23 -7.49 -14.41
N VAL A 315 27.42 -6.52 -14.87
CA VAL A 315 27.79 -5.53 -15.92
C VAL A 315 29.07 -4.80 -15.48
N GLN A 316 29.13 -4.37 -14.21
CA GLN A 316 30.28 -3.64 -13.61
C GLN A 316 31.52 -4.54 -13.58
N PHE A 317 31.39 -5.78 -13.12
CA PHE A 317 32.50 -6.76 -12.96
C PHE A 317 33.24 -6.95 -14.29
N VAL A 318 32.54 -6.84 -15.41
CA VAL A 318 33.13 -6.82 -16.79
C VAL A 318 33.87 -5.50 -16.98
N ASP A 319 33.28 -4.38 -16.55
CA ASP A 319 33.91 -3.02 -16.59
C ASP A 319 35.16 -3.02 -15.71
N ARG B 21 -43.20 15.58 9.30
CA ARG B 21 -42.36 14.36 9.59
C ARG B 21 -41.00 14.78 10.15
N LYS B 22 -40.57 14.12 11.22
CA LYS B 22 -39.21 14.22 11.83
C LYS B 22 -38.28 13.23 11.12
N VAL B 23 -36.98 13.25 11.47
CA VAL B 23 -35.92 12.37 10.89
C VAL B 23 -35.34 11.50 12.00
N LEU B 24 -34.91 10.28 11.64
CA LEU B 24 -34.28 9.30 12.57
C LEU B 24 -33.00 8.74 11.93
N ILE B 25 -31.87 8.88 12.64
CA ILE B 25 -30.53 8.36 12.20
C ILE B 25 -30.22 7.10 13.01
N SER B 26 -30.49 5.93 12.43
CA SER B 26 -30.25 4.59 13.03
C SER B 26 -28.75 4.31 13.15
N ASP B 27 -28.04 4.25 12.02
CA ASP B 27 -26.59 3.93 11.94
C ASP B 27 -25.77 5.06 12.56
N SER B 28 -24.47 4.81 12.76
CA SER B 28 -23.49 5.75 13.37
C SER B 28 -23.02 6.75 12.31
N LEU B 29 -23.35 8.04 12.52
CA LEU B 29 -23.12 9.15 11.54
C LEU B 29 -22.24 10.23 12.16
N ASP B 30 -21.94 11.29 11.38
CA ASP B 30 -21.04 12.41 11.78
C ASP B 30 -21.88 13.59 12.24
N PRO B 31 -21.58 14.19 13.42
CA PRO B 31 -22.45 15.21 14.04
C PRO B 31 -23.03 16.26 13.07
N CYS B 32 -22.20 16.79 12.16
CA CYS B 32 -22.54 17.90 11.23
C CYS B 32 -23.94 17.68 10.65
N CYS B 33 -24.27 16.43 10.30
CA CYS B 33 -25.57 15.99 9.71
C CYS B 33 -26.73 16.47 10.58
N ARG B 34 -26.73 16.09 11.85
CA ARG B 34 -27.79 16.45 12.83
C ARG B 34 -27.92 17.98 12.90
N LYS B 35 -26.85 18.66 13.30
CA LYS B 35 -26.81 20.15 13.47
C LYS B 35 -27.43 20.82 12.24
N ILE B 36 -26.91 20.52 11.04
CA ILE B 36 -27.36 21.13 9.76
C ILE B 36 -28.65 20.43 9.30
N ASP B 76 -40.75 -4.43 4.24
CA ASP B 76 -41.30 -4.75 5.58
C ASP B 76 -41.16 -3.53 6.50
N VAL B 77 -39.93 -3.04 6.69
CA VAL B 77 -39.60 -1.84 7.50
C VAL B 77 -40.25 -0.62 6.83
N ILE B 78 -39.92 -0.40 5.56
CA ILE B 78 -40.54 0.64 4.68
C ILE B 78 -42.07 0.54 4.80
N ASN B 79 -42.59 -0.69 4.75
CA ASN B 79 -44.05 -1.01 4.81
C ASN B 79 -44.63 -0.51 6.14
N ALA B 80 -43.95 -0.79 7.25
CA ALA B 80 -44.39 -0.50 8.64
C ALA B 80 -44.59 1.01 8.86
N ALA B 81 -43.89 1.86 8.08
CA ALA B 81 -43.85 3.32 8.25
C ALA B 81 -44.75 4.01 7.21
N GLU B 82 -45.87 4.57 7.67
CA GLU B 82 -46.85 5.33 6.83
C GLU B 82 -46.43 6.79 6.73
N LYS B 83 -45.70 7.29 7.74
CA LYS B 83 -45.17 8.68 7.80
C LYS B 83 -43.92 8.81 6.91
N LEU B 84 -43.24 7.69 6.64
CA LEU B 84 -41.94 7.64 5.89
C LEU B 84 -42.15 8.07 4.44
N GLN B 85 -41.34 9.03 3.98
CA GLN B 85 -41.33 9.55 2.58
C GLN B 85 -39.95 9.35 1.94
N VAL B 86 -38.86 9.45 2.72
CA VAL B 86 -37.46 9.47 2.21
C VAL B 86 -36.54 8.68 3.16
N VAL B 87 -35.89 7.63 2.66
CA VAL B 87 -34.78 6.91 3.34
C VAL B 87 -33.46 7.60 2.93
N GLY B 88 -32.64 8.00 3.91
CA GLY B 88 -31.42 8.80 3.72
C GLY B 88 -30.16 7.99 4.01
N ARG B 89 -29.49 7.52 2.96
CA ARG B 89 -28.24 6.70 3.02
C ARG B 89 -27.02 7.63 2.99
N ALA B 90 -26.09 7.45 3.92
CA ALA B 90 -24.78 8.13 3.98
C ALA B 90 -23.74 7.23 3.28
N GLY B 91 -23.61 7.36 1.96
CA GLY B 91 -22.69 6.57 1.12
C GLY B 91 -23.16 6.52 -0.33
N THR B 92 -22.65 5.56 -1.10
CA THR B 92 -23.03 5.30 -2.52
C THR B 92 -24.19 4.32 -2.55
N GLY B 93 -23.93 3.06 -2.19
CA GLY B 93 -24.91 1.96 -2.06
C GLY B 93 -26.27 2.30 -2.63
N VAL B 109 -35.71 7.84 -1.29
CA VAL B 109 -34.34 7.25 -1.42
C VAL B 109 -33.36 8.34 -1.88
N MET B 110 -32.30 8.57 -1.10
CA MET B 110 -31.21 9.53 -1.42
C MET B 110 -29.87 8.95 -0.97
N ASN B 111 -28.79 9.28 -1.67
CA ASN B 111 -27.41 8.82 -1.32
C ASN B 111 -26.44 10.01 -1.41
N THR B 112 -25.17 9.75 -1.05
CA THR B 112 -24.05 10.72 -1.10
C THR B 112 -23.07 10.22 -2.16
N PRO B 113 -23.35 10.47 -3.47
CA PRO B 113 -22.69 9.76 -4.55
C PRO B 113 -21.15 9.90 -4.57
N ASN B 114 -20.64 11.11 -4.34
CA ASN B 114 -19.19 11.45 -4.33
C ASN B 114 -18.76 11.75 -2.89
N GLY B 115 -19.50 11.24 -1.91
CA GLY B 115 -19.26 11.47 -0.47
C GLY B 115 -18.00 10.77 0.01
N ASN B 116 -17.75 9.54 -0.44
CA ASN B 116 -16.69 8.64 0.10
C ASN B 116 -16.01 7.87 -1.04
N SER B 117 -15.99 8.44 -2.24
CA SER B 117 -15.36 7.84 -3.45
C SER B 117 -13.85 7.78 -3.25
N LEU B 118 -13.24 8.91 -2.85
CA LEU B 118 -11.78 9.04 -2.62
C LEU B 118 -11.35 8.01 -1.56
N SER B 119 -11.94 8.08 -0.36
CA SER B 119 -11.65 7.17 0.78
C SER B 119 -11.65 5.72 0.29
N ALA B 120 -12.62 5.36 -0.55
CA ALA B 120 -12.84 4.00 -1.09
C ALA B 120 -11.71 3.67 -2.07
N ALA B 121 -11.46 4.57 -3.02
CA ALA B 121 -10.36 4.52 -4.00
C ALA B 121 -9.02 4.36 -3.29
N GLU B 122 -8.83 5.10 -2.20
CA GLU B 122 -7.56 5.13 -1.42
C GLU B 122 -7.35 3.76 -0.77
N LEU B 123 -8.43 3.15 -0.27
CA LEU B 123 -8.39 1.79 0.32
C LEU B 123 -8.04 0.76 -0.77
N THR B 124 -8.83 0.70 -1.84
CA THR B 124 -8.60 -0.17 -3.01
C THR B 124 -7.11 -0.18 -3.37
N CYS B 125 -6.52 1.01 -3.50
CA CYS B 125 -5.11 1.24 -3.88
C CYS B 125 -4.19 0.64 -2.80
N GLY B 126 -4.53 0.82 -1.52
CA GLY B 126 -3.82 0.21 -0.39
C GLY B 126 -3.87 -1.31 -0.46
N MET B 127 -5.06 -1.86 -0.75
CA MET B 127 -5.30 -3.33 -0.85
C MET B 127 -4.35 -3.93 -1.90
N ILE B 128 -4.30 -3.31 -3.09
CA ILE B 128 -3.37 -3.70 -4.21
C ILE B 128 -1.94 -3.73 -3.67
N MET B 129 -1.56 -2.72 -2.90
CA MET B 129 -0.20 -2.57 -2.33
C MET B 129 0.08 -3.72 -1.37
N CYS B 130 -0.87 -4.01 -0.47
CA CYS B 130 -0.77 -5.05 0.58
C CYS B 130 -0.64 -6.43 -0.08
N LEU B 131 -1.37 -6.65 -1.18
CA LEU B 131 -1.35 -7.91 -1.96
C LEU B 131 0.03 -8.09 -2.57
N ALA B 132 0.55 -7.02 -3.19
CA ALA B 132 1.79 -7.02 -3.99
C ALA B 132 2.99 -7.45 -3.13
N ARG B 133 2.99 -7.06 -1.85
CA ARG B 133 4.19 -7.16 -0.96
C ARG B 133 3.86 -7.88 0.35
N GLN B 134 2.64 -8.40 0.53
CA GLN B 134 2.24 -9.23 1.69
C GLN B 134 2.49 -8.46 3.01
N ILE B 135 2.12 -7.17 3.06
CA ILE B 135 2.37 -6.26 4.22
C ILE B 135 1.58 -6.77 5.44
N PRO B 136 0.24 -6.97 5.33
CA PRO B 136 -0.53 -7.50 6.47
C PRO B 136 0.11 -8.76 7.06
N GLN B 137 0.48 -9.70 6.21
CA GLN B 137 1.02 -11.04 6.59
C GLN B 137 2.38 -10.84 7.25
N ALA B 138 3.27 -10.09 6.61
CA ALA B 138 4.63 -9.76 7.12
C ALA B 138 4.54 -9.18 8.53
N THR B 139 3.56 -8.32 8.82
CA THR B 139 3.42 -7.65 10.14
C THR B 139 2.99 -8.70 11.17
N ALA B 140 2.04 -9.56 10.82
CA ALA B 140 1.65 -10.74 11.62
C ALA B 140 2.91 -11.60 11.91
N SER B 141 3.71 -11.90 10.88
CA SER B 141 4.95 -12.71 11.00
C SER B 141 5.89 -12.10 12.03
N MET B 142 6.20 -10.81 11.89
CA MET B 142 7.02 -10.03 12.85
C MET B 142 6.39 -10.11 14.24
N LYS B 143 5.07 -9.93 14.33
CA LYS B 143 4.28 -9.88 15.60
C LYS B 143 4.25 -11.26 16.28
N ASP B 144 4.59 -12.33 15.55
CA ASP B 144 4.69 -13.72 16.06
C ASP B 144 6.16 -14.02 16.37
N GLY B 145 6.99 -12.98 16.51
CA GLY B 145 8.44 -13.07 16.77
C GLY B 145 9.19 -13.86 15.72
N LYS B 146 8.92 -13.60 14.44
CA LYS B 146 9.55 -14.32 13.28
C LYS B 146 10.26 -13.31 12.35
N TRP B 147 11.42 -13.70 11.82
CA TRP B 147 12.16 -12.99 10.75
C TRP B 147 12.41 -13.96 9.59
N GLU B 148 11.56 -13.91 8.56
CA GLU B 148 11.55 -14.86 7.41
C GLU B 148 11.51 -14.05 6.11
N ARG B 149 12.67 -13.56 5.66
CA ARG B 149 12.81 -12.77 4.42
C ARG B 149 12.25 -13.58 3.24
N LYS B 150 12.81 -14.77 3.02
CA LYS B 150 12.51 -15.67 1.86
C LYS B 150 11.00 -15.77 1.60
N LYS B 151 10.20 -16.00 2.64
CA LYS B 151 8.75 -16.33 2.54
C LYS B 151 7.95 -15.16 1.92
N PHE B 152 8.36 -13.91 2.16
CA PHE B 152 7.61 -12.70 1.74
C PHE B 152 8.29 -12.06 0.53
N MET B 153 8.48 -12.82 -0.56
CA MET B 153 8.90 -12.32 -1.89
C MET B 153 7.68 -11.66 -2.56
N GLY B 154 7.81 -10.39 -2.94
CA GLY B 154 6.70 -9.56 -3.43
C GLY B 154 6.89 -9.19 -4.88
N THR B 155 5.90 -8.47 -5.45
CA THR B 155 5.83 -8.09 -6.89
C THR B 155 6.05 -6.58 -7.00
N GLU B 156 6.49 -6.11 -8.17
CA GLU B 156 6.71 -4.69 -8.50
C GLU B 156 5.58 -4.25 -9.42
N LEU B 157 4.77 -3.28 -9.00
CA LEU B 157 3.56 -2.80 -9.71
C LEU B 157 3.95 -2.18 -11.06
N ASN B 158 5.05 -1.40 -11.06
CA ASN B 158 5.64 -0.80 -12.29
C ASN B 158 5.64 -1.83 -13.42
N GLY B 159 4.97 -1.51 -14.53
CA GLY B 159 4.91 -2.33 -15.76
C GLY B 159 3.88 -3.44 -15.70
N LYS B 160 3.12 -3.56 -14.61
CA LYS B 160 2.06 -4.59 -14.46
C LYS B 160 0.72 -3.98 -14.91
N THR B 161 -0.26 -4.85 -15.18
CA THR B 161 -1.57 -4.48 -15.79
C THR B 161 -2.66 -4.68 -14.74
N LEU B 162 -3.43 -3.61 -14.50
CA LEU B 162 -4.54 -3.57 -13.51
C LEU B 162 -5.86 -3.41 -14.26
N GLY B 163 -6.72 -4.43 -14.21
CA GLY B 163 -8.08 -4.42 -14.78
C GLY B 163 -9.04 -3.69 -13.87
N ILE B 164 -9.77 -2.70 -14.39
CA ILE B 164 -10.73 -1.87 -13.61
C ILE B 164 -12.14 -2.05 -14.19
N LEU B 165 -12.92 -2.96 -13.62
CA LEU B 165 -14.32 -3.23 -14.03
C LEU B 165 -15.24 -2.20 -13.36
N GLY B 166 -15.86 -1.31 -14.16
CA GLY B 166 -16.67 -0.18 -13.65
C GLY B 166 -15.82 1.07 -13.51
N LEU B 167 -16.15 2.10 -14.30
CA LEU B 167 -15.28 3.28 -14.54
C LEU B 167 -16.03 4.56 -14.15
N GLY B 168 -16.69 4.56 -13.00
CA GLY B 168 -17.38 5.74 -12.44
C GLY B 168 -16.48 6.55 -11.51
N ARG B 169 -17.07 7.24 -10.53
CA ARG B 169 -16.36 8.08 -9.53
C ARG B 169 -15.08 7.36 -9.06
N ILE B 170 -15.22 6.17 -8.47
CA ILE B 170 -14.12 5.43 -7.80
C ILE B 170 -13.13 4.90 -8.85
N GLY B 171 -13.63 4.17 -9.85
CA GLY B 171 -12.84 3.44 -10.87
C GLY B 171 -11.77 4.29 -11.55
N ARG B 172 -12.05 5.56 -11.80
CA ARG B 172 -11.12 6.52 -12.48
C ARG B 172 -10.11 7.09 -11.47
N GLU B 173 -10.52 7.26 -10.21
CA GLU B 173 -9.67 7.79 -9.12
C GLU B 173 -8.63 6.72 -8.77
N VAL B 174 -9.05 5.45 -8.81
CA VAL B 174 -8.15 4.28 -8.65
C VAL B 174 -7.15 4.32 -9.80
N ALA B 175 -7.65 4.50 -11.03
CA ALA B 175 -6.86 4.44 -12.28
C ALA B 175 -5.69 5.42 -12.23
N THR B 176 -5.97 6.70 -11.97
CA THR B 176 -4.97 7.80 -11.99
C THR B 176 -3.95 7.63 -10.85
N ARG B 177 -4.36 7.11 -9.70
CA ARG B 177 -3.46 6.89 -8.55
C ARG B 177 -2.45 5.78 -8.91
N MET B 178 -2.93 4.67 -9.50
CA MET B 178 -2.10 3.47 -9.81
C MET B 178 -1.28 3.69 -11.09
N GLN B 179 -1.83 4.44 -12.05
CA GLN B 179 -1.08 4.93 -13.24
C GLN B 179 0.25 5.52 -12.76
N SER B 180 0.23 6.28 -11.65
CA SER B 180 1.40 6.96 -11.05
C SER B 180 2.46 5.96 -10.59
N PHE B 181 2.09 4.69 -10.34
CA PHE B 181 3.07 3.60 -10.02
C PHE B 181 3.50 2.89 -11.31
N GLY B 182 3.34 3.56 -12.45
CA GLY B 182 3.64 3.02 -13.80
C GLY B 182 2.91 1.72 -14.06
N MET B 183 1.62 1.65 -13.74
CA MET B 183 0.76 0.47 -14.01
C MET B 183 -0.05 0.72 -15.29
N LYS B 184 -0.12 -0.29 -16.18
CA LYS B 184 -1.04 -0.29 -17.35
C LYS B 184 -2.47 -0.48 -16.82
N THR B 185 -3.35 0.50 -17.04
CA THR B 185 -4.79 0.51 -16.64
C THR B 185 -5.70 0.21 -17.84
N ILE B 186 -6.16 -1.03 -17.95
CA ILE B 186 -7.28 -1.46 -18.84
C ILE B 186 -8.53 -1.60 -17.99
N GLY B 187 -9.71 -1.65 -18.60
CA GLY B 187 -10.99 -1.72 -17.86
C GLY B 187 -12.18 -2.03 -18.73
N TYR B 188 -13.37 -2.00 -18.12
CA TYR B 188 -14.68 -2.23 -18.77
C TYR B 188 -15.75 -1.45 -18.01
N ASP B 189 -16.57 -0.69 -18.73
CA ASP B 189 -17.82 -0.07 -18.24
C ASP B 189 -18.74 0.10 -19.44
N PRO B 190 -19.97 -0.47 -19.41
CA PRO B 190 -20.83 -0.48 -20.59
C PRO B 190 -21.23 0.94 -21.03
N ILE B 191 -21.68 1.79 -20.09
CA ILE B 191 -22.27 3.13 -20.39
C ILE B 191 -21.19 4.22 -20.40
N ILE B 192 -19.90 3.84 -20.38
CA ILE B 192 -18.72 4.74 -20.58
C ILE B 192 -17.99 4.31 -21.85
N SER B 193 -17.87 5.22 -22.83
CA SER B 193 -17.22 4.97 -24.15
C SER B 193 -15.70 4.87 -23.99
N PRO B 194 -15.00 4.13 -24.89
CA PRO B 194 -13.54 4.08 -24.89
C PRO B 194 -12.83 5.44 -24.88
N GLU B 195 -13.37 6.44 -25.58
CA GLU B 195 -12.74 7.78 -25.74
C GLU B 195 -12.82 8.56 -24.44
N VAL B 196 -13.90 8.40 -23.66
CA VAL B 196 -14.06 9.10 -22.35
C VAL B 196 -13.07 8.48 -21.36
N SER B 197 -12.98 7.15 -21.30
CA SER B 197 -12.06 6.40 -20.41
C SER B 197 -10.61 6.71 -20.78
N ALA B 198 -10.36 6.87 -22.09
CA ALA B 198 -9.08 7.34 -22.66
C ALA B 198 -8.63 8.62 -21.97
N SER B 199 -9.57 9.54 -21.72
CA SER B 199 -9.33 10.89 -21.14
C SER B 199 -8.72 10.76 -19.74
N PHE B 200 -9.12 9.76 -18.96
CA PHE B 200 -8.52 9.48 -17.62
C PHE B 200 -7.70 8.17 -17.66
N GLY B 201 -7.17 7.84 -18.84
CA GLY B 201 -6.00 6.95 -19.02
C GLY B 201 -6.36 5.48 -19.04
N VAL B 202 -7.65 5.10 -19.15
CA VAL B 202 -8.08 3.67 -19.04
C VAL B 202 -8.51 3.18 -20.42
N GLN B 203 -7.95 2.04 -20.85
CA GLN B 203 -8.12 1.45 -22.21
C GLN B 203 -9.23 0.42 -22.14
N GLN B 204 -10.44 0.75 -22.60
CA GLN B 204 -11.57 -0.20 -22.68
C GLN B 204 -11.38 -1.18 -23.86
N LEU B 205 -11.45 -2.47 -23.55
CA LEU B 205 -11.46 -3.60 -24.51
C LEU B 205 -12.60 -4.56 -24.14
N PRO B 206 -13.02 -5.48 -25.04
CA PRO B 206 -14.01 -6.49 -24.70
C PRO B 206 -13.54 -7.37 -23.53
N LEU B 207 -14.46 -7.75 -22.63
CA LEU B 207 -14.16 -8.45 -21.34
C LEU B 207 -13.26 -9.67 -21.59
N GLU B 208 -13.45 -10.37 -22.71
CA GLU B 208 -12.66 -11.57 -23.08
C GLU B 208 -11.17 -11.22 -23.17
N GLU B 209 -10.84 -10.11 -23.83
CA GLU B 209 -9.45 -9.64 -24.06
C GLU B 209 -8.82 -9.16 -22.73
N ILE B 210 -9.65 -8.68 -21.79
CA ILE B 210 -9.21 -8.13 -20.47
C ILE B 210 -8.56 -9.24 -19.64
N TRP B 211 -9.25 -10.37 -19.45
CA TRP B 211 -8.93 -11.37 -18.39
C TRP B 211 -7.49 -11.84 -18.52
N PRO B 212 -7.01 -12.28 -19.71
CA PRO B 212 -5.66 -12.83 -19.85
C PRO B 212 -4.50 -11.83 -19.69
N LEU B 213 -4.79 -10.53 -19.73
CA LEU B 213 -3.77 -9.44 -19.72
C LEU B 213 -3.48 -8.97 -18.28
N CYS B 214 -4.30 -9.35 -17.31
CA CYS B 214 -4.36 -8.71 -15.97
C CYS B 214 -3.42 -9.44 -15.01
N ASP B 215 -2.55 -8.66 -14.36
CA ASP B 215 -1.82 -9.05 -13.14
C ASP B 215 -2.71 -8.79 -11.92
N PHE B 216 -3.58 -7.78 -12.00
CA PHE B 216 -4.39 -7.23 -10.87
C PHE B 216 -5.78 -6.83 -11.38
N ILE B 217 -6.83 -7.25 -10.67
CA ILE B 217 -8.25 -6.91 -10.99
C ILE B 217 -8.90 -6.23 -9.79
N THR B 218 -9.65 -5.16 -10.06
CA THR B 218 -10.42 -4.39 -9.06
C THR B 218 -11.82 -4.07 -9.61
N VAL B 219 -12.86 -4.41 -8.86
CA VAL B 219 -14.29 -4.21 -9.23
C VAL B 219 -14.79 -2.92 -8.54
N HIS B 220 -15.41 -2.03 -9.32
CA HIS B 220 -16.01 -0.76 -8.82
C HIS B 220 -17.37 -0.54 -9.48
N THR B 221 -18.18 -1.60 -9.58
CA THR B 221 -19.55 -1.62 -10.16
C THR B 221 -20.58 -1.50 -9.05
N PRO B 222 -21.83 -1.06 -9.34
CA PRO B 222 -22.93 -1.24 -8.42
C PRO B 222 -23.18 -2.75 -8.30
N LEU B 223 -23.80 -3.20 -7.21
CA LEU B 223 -24.35 -4.58 -7.12
C LEU B 223 -25.64 -4.62 -7.96
N LEU B 224 -25.61 -5.39 -9.05
CA LEU B 224 -26.71 -5.58 -10.01
C LEU B 224 -26.80 -7.08 -10.33
N PRO B 225 -27.91 -7.57 -10.92
CA PRO B 225 -27.97 -8.97 -11.35
C PRO B 225 -26.75 -9.33 -12.19
N SER B 226 -26.49 -8.53 -13.25
CA SER B 226 -25.40 -8.72 -14.24
C SER B 226 -24.02 -8.71 -13.56
N THR B 227 -23.86 -7.91 -12.50
CA THR B 227 -22.58 -7.71 -11.76
C THR B 227 -22.45 -8.70 -10.60
N THR B 228 -23.47 -9.55 -10.37
CA THR B 228 -23.46 -10.61 -9.33
C THR B 228 -22.70 -11.82 -9.89
N GLY B 229 -21.52 -12.10 -9.35
CA GLY B 229 -20.56 -13.08 -9.90
C GLY B 229 -19.96 -12.60 -11.22
N LEU B 230 -19.65 -11.29 -11.31
CA LEU B 230 -19.01 -10.70 -12.51
C LEU B 230 -17.62 -11.33 -12.68
N LEU B 231 -16.93 -11.60 -11.57
CA LEU B 231 -15.83 -12.60 -11.52
C LEU B 231 -16.44 -13.93 -11.07
N ASN B 232 -16.37 -14.94 -11.92
CA ASN B 232 -16.84 -16.33 -11.66
C ASN B 232 -15.79 -17.31 -12.18
N ASP B 233 -16.13 -18.61 -12.25
CA ASP B 233 -15.21 -19.69 -12.70
C ASP B 233 -14.81 -19.45 -14.16
N ASN B 234 -15.71 -18.89 -14.98
CA ASN B 234 -15.44 -18.55 -16.41
C ASN B 234 -14.42 -17.40 -16.48
N THR B 235 -14.42 -16.50 -15.49
CA THR B 235 -13.52 -15.33 -15.38
C THR B 235 -12.08 -15.79 -15.10
N PHE B 236 -11.90 -16.62 -14.07
CA PHE B 236 -10.58 -17.16 -13.61
C PHE B 236 -10.00 -18.09 -14.67
N ALA B 237 -10.86 -18.83 -15.40
CA ALA B 237 -10.48 -19.68 -16.54
C ALA B 237 -9.56 -18.91 -17.50
N GLN B 238 -9.87 -17.63 -17.75
CA GLN B 238 -9.23 -16.77 -18.79
C GLN B 238 -8.15 -15.87 -18.17
N CYS B 239 -7.95 -15.94 -16.85
CA CYS B 239 -6.96 -15.10 -16.09
C CYS B 239 -5.57 -15.74 -16.12
N LYS B 240 -4.54 -14.92 -15.93
CA LYS B 240 -3.13 -15.38 -15.73
C LYS B 240 -3.04 -16.24 -14.48
N LYS B 241 -2.26 -17.32 -14.52
CA LYS B 241 -1.82 -18.05 -13.30
C LYS B 241 -1.18 -17.02 -12.36
N GLY B 242 -1.82 -16.74 -11.22
CA GLY B 242 -1.32 -15.84 -10.17
C GLY B 242 -1.92 -14.43 -10.28
N VAL B 243 -3.15 -14.30 -10.79
CA VAL B 243 -3.91 -13.02 -10.83
C VAL B 243 -4.35 -12.69 -9.41
N ARG B 244 -3.97 -11.52 -8.91
CA ARG B 244 -4.32 -11.02 -7.55
C ARG B 244 -5.53 -10.08 -7.68
N VAL B 245 -6.59 -10.31 -6.90
CA VAL B 245 -7.92 -9.65 -7.10
C VAL B 245 -8.27 -8.84 -5.86
N VAL B 246 -8.97 -7.71 -6.05
CA VAL B 246 -9.38 -6.75 -4.98
C VAL B 246 -10.87 -6.44 -5.15
N ASN B 247 -11.61 -6.42 -4.04
CA ASN B 247 -13.05 -6.03 -4.03
C ASN B 247 -13.33 -5.11 -2.83
N CYS B 248 -13.38 -3.80 -3.11
CA CYS B 248 -13.82 -2.75 -2.16
C CYS B 248 -15.12 -2.11 -2.67
N ALA B 249 -15.93 -2.87 -3.40
CA ALA B 249 -17.27 -2.46 -3.90
C ALA B 249 -18.37 -3.15 -3.07
N ARG B 250 -18.80 -4.37 -3.45
CA ARG B 250 -19.89 -5.11 -2.76
C ARG B 250 -19.59 -6.61 -2.75
N GLY B 251 -20.08 -7.30 -1.71
CA GLY B 251 -20.08 -8.76 -1.59
C GLY B 251 -20.97 -9.40 -2.65
N GLY B 252 -20.43 -10.36 -3.40
CA GLY B 252 -21.15 -11.11 -4.44
C GLY B 252 -20.64 -10.78 -5.83
N ILE B 253 -20.22 -9.52 -6.05
CA ILE B 253 -19.68 -9.05 -7.37
C ILE B 253 -18.60 -10.06 -7.81
N VAL B 254 -17.62 -10.30 -6.94
CA VAL B 254 -16.73 -11.49 -7.03
C VAL B 254 -17.48 -12.66 -6.39
N ASP B 255 -17.68 -13.74 -7.15
CA ASP B 255 -18.27 -15.01 -6.67
C ASP B 255 -17.32 -15.62 -5.64
N GLU B 256 -17.73 -15.63 -4.36
CA GLU B 256 -16.93 -16.11 -3.21
C GLU B 256 -16.51 -17.57 -3.44
N GLY B 257 -17.46 -18.41 -3.85
CA GLY B 257 -17.20 -19.83 -4.17
C GLY B 257 -16.13 -19.96 -5.23
N ALA B 258 -16.30 -19.23 -6.34
CA ALA B 258 -15.34 -19.14 -7.47
C ALA B 258 -13.96 -18.75 -6.95
N LEU B 259 -13.90 -17.66 -6.17
CA LEU B 259 -12.63 -17.02 -5.74
C LEU B 259 -11.83 -18.00 -4.87
N LEU B 260 -12.53 -18.80 -4.05
CA LEU B 260 -11.92 -19.82 -3.15
C LEU B 260 -11.30 -20.93 -3.99
N ARG B 261 -12.03 -21.41 -5.01
CA ARG B 261 -11.58 -22.49 -5.92
C ARG B 261 -10.31 -22.02 -6.63
N ALA B 262 -10.34 -20.80 -7.19
CA ALA B 262 -9.19 -20.11 -7.82
C ALA B 262 -8.03 -20.02 -6.83
N LEU B 263 -8.29 -19.58 -5.59
CA LEU B 263 -7.27 -19.45 -4.53
C LEU B 263 -6.68 -20.83 -4.19
N GLN B 264 -7.50 -21.89 -4.28
CA GLN B 264 -7.12 -23.27 -3.88
C GLN B 264 -6.21 -23.88 -4.95
N SER B 265 -6.57 -23.71 -6.23
CA SER B 265 -5.80 -24.16 -7.41
C SER B 265 -4.58 -23.27 -7.66
N GLY B 266 -4.48 -22.13 -6.94
CA GLY B 266 -3.44 -21.10 -7.15
C GLY B 266 -3.58 -20.41 -8.51
N GLN B 267 -4.78 -20.44 -9.09
CA GLN B 267 -5.14 -19.66 -10.31
C GLN B 267 -5.12 -18.18 -9.94
N CYS B 268 -5.66 -17.87 -8.75
CA CYS B 268 -5.59 -16.54 -8.09
C CYS B 268 -4.55 -16.60 -6.95
N ALA B 269 -3.38 -15.99 -7.17
CA ALA B 269 -2.26 -15.92 -6.19
C ALA B 269 -2.73 -15.31 -4.87
N GLY B 270 -3.68 -14.37 -4.92
CA GLY B 270 -4.25 -13.76 -3.69
C GLY B 270 -5.41 -12.82 -3.98
N ALA B 271 -6.25 -12.60 -2.97
CA ALA B 271 -7.42 -11.70 -3.02
C ALA B 271 -7.35 -10.74 -1.83
N ALA B 272 -8.02 -9.59 -1.96
CA ALA B 272 -8.16 -8.55 -0.91
C ALA B 272 -9.61 -8.08 -0.89
N LEU B 273 -10.28 -8.21 0.25
CA LEU B 273 -11.74 -8.01 0.38
C LEU B 273 -12.05 -6.97 1.46
N ASP B 274 -12.79 -5.91 1.11
CA ASP B 274 -13.41 -4.98 2.08
C ASP B 274 -14.82 -5.46 2.45
N VAL B 275 -15.45 -6.27 1.58
CA VAL B 275 -16.93 -6.47 1.58
C VAL B 275 -17.28 -7.94 1.32
N PHE B 276 -18.47 -8.35 1.77
CA PHE B 276 -18.91 -9.77 1.86
C PHE B 276 -20.42 -9.86 1.60
N THR B 277 -20.88 -10.99 1.06
CA THR B 277 -22.32 -11.27 0.76
C THR B 277 -23.13 -11.22 2.06
N GLU B 278 -22.56 -11.76 3.14
CA GLU B 278 -23.04 -11.63 4.54
C GLU B 278 -22.01 -10.84 5.34
N GLU B 279 -22.45 -9.75 5.99
CA GLU B 279 -21.58 -8.86 6.82
C GLU B 279 -22.11 -8.81 8.25
N PRO B 280 -21.42 -9.42 9.24
CA PRO B 280 -20.17 -10.14 8.99
C PRO B 280 -20.42 -11.49 8.32
N PRO B 281 -19.44 -12.06 7.57
CA PRO B 281 -19.59 -13.38 6.98
C PRO B 281 -19.67 -14.46 8.07
N ARG B 282 -20.55 -15.45 7.86
CA ARG B 282 -20.62 -16.69 8.68
C ARG B 282 -19.47 -17.60 8.22
N ASP B 283 -19.42 -17.91 6.93
CA ASP B 283 -18.35 -18.65 6.22
C ASP B 283 -17.00 -17.95 6.45
N ARG B 284 -15.98 -18.69 6.89
CA ARG B 284 -14.63 -18.16 7.23
C ARG B 284 -13.55 -18.65 6.24
N ALA B 285 -13.91 -19.48 5.26
CA ALA B 285 -12.97 -20.04 4.25
C ALA B 285 -12.06 -18.92 3.67
N LEU B 286 -12.65 -17.80 3.25
CA LEU B 286 -11.94 -16.70 2.53
C LEU B 286 -11.11 -15.85 3.52
N VAL B 287 -11.67 -15.42 4.65
CA VAL B 287 -10.92 -14.60 5.65
C VAL B 287 -9.75 -15.43 6.19
N ASP B 288 -9.92 -16.76 6.33
CA ASP B 288 -8.89 -17.66 6.92
C ASP B 288 -7.78 -17.96 5.92
N HIS B 289 -8.05 -17.98 4.61
CA HIS B 289 -7.06 -18.37 3.58
C HIS B 289 -5.81 -17.50 3.72
N GLU B 290 -4.63 -18.13 3.67
CA GLU B 290 -3.30 -17.47 3.88
C GLU B 290 -3.11 -16.31 2.89
N ASN B 291 -3.54 -16.47 1.63
CA ASN B 291 -3.31 -15.50 0.54
C ASN B 291 -4.45 -14.49 0.42
N VAL B 292 -5.32 -14.39 1.45
CA VAL B 292 -6.43 -13.38 1.47
C VAL B 292 -6.13 -12.33 2.54
N ILE B 293 -6.45 -11.07 2.26
CA ILE B 293 -6.41 -9.94 3.23
C ILE B 293 -7.82 -9.37 3.33
N SER B 294 -8.17 -8.78 4.47
CA SER B 294 -9.56 -8.40 4.82
C SER B 294 -9.61 -7.05 5.53
N CYS B 295 -10.81 -6.44 5.53
CA CYS B 295 -11.25 -5.36 6.44
C CYS B 295 -12.74 -5.53 6.69
N PRO B 296 -13.26 -5.10 7.86
CA PRO B 296 -14.70 -5.07 8.12
C PRO B 296 -15.36 -3.81 7.52
N HIS B 297 -15.40 -3.72 6.19
CA HIS B 297 -16.11 -2.67 5.41
C HIS B 297 -15.62 -1.27 5.80
N LEU B 298 -14.31 -1.01 5.66
CA LEU B 298 -13.65 0.24 6.09
C LEU B 298 -13.46 1.21 4.92
N GLY B 299 -14.04 0.90 3.74
CA GLY B 299 -13.99 1.75 2.54
C GLY B 299 -14.50 3.18 2.77
N ALA B 300 -15.51 3.37 3.62
CA ALA B 300 -16.12 4.69 3.92
C ALA B 300 -15.69 5.17 5.32
N SER B 301 -14.74 4.48 5.94
CA SER B 301 -14.43 4.66 7.39
C SER B 301 -13.22 5.57 7.57
N THR B 302 -13.30 6.80 7.07
CA THR B 302 -12.36 7.92 7.35
C THR B 302 -13.13 9.13 7.91
N LYS B 303 -12.54 9.81 8.89
CA LYS B 303 -13.08 11.03 9.53
C LYS B 303 -13.68 11.94 8.43
N GLU B 304 -12.93 12.16 7.34
CA GLU B 304 -13.28 13.09 6.23
C GLU B 304 -14.54 12.60 5.49
N ALA B 305 -14.57 11.32 5.10
CA ALA B 305 -15.64 10.73 4.25
C ALA B 305 -17.00 10.84 4.96
N GLN B 306 -17.08 10.40 6.22
CA GLN B 306 -18.34 10.38 7.01
C GLN B 306 -18.84 11.83 7.18
N SER B 307 -17.91 12.77 7.39
CA SER B 307 -18.19 14.24 7.49
C SER B 307 -18.86 14.73 6.21
N ARG B 308 -18.21 14.56 5.05
CA ARG B 308 -18.76 15.00 3.73
C ARG B 308 -20.16 14.41 3.55
N CYS B 309 -20.26 13.08 3.48
CA CYS B 309 -21.53 12.31 3.34
C CYS B 309 -22.62 12.91 4.25
N GLY B 310 -22.33 13.00 5.56
CA GLY B 310 -23.22 13.57 6.59
C GLY B 310 -23.87 14.86 6.12
N GLU B 311 -23.06 15.84 5.69
CA GLU B 311 -23.54 17.13 5.12
C GLU B 311 -24.28 16.83 3.81
N GLU B 312 -23.67 16.02 2.94
CA GLU B 312 -24.10 15.77 1.54
C GLU B 312 -25.52 15.18 1.51
N ILE B 313 -25.98 14.57 2.61
CA ILE B 313 -27.37 14.02 2.73
C ILE B 313 -28.24 15.01 3.52
N ALA B 314 -27.68 15.63 4.57
CA ALA B 314 -28.38 16.64 5.42
C ALA B 314 -28.77 17.85 4.56
N VAL B 315 -28.02 18.12 3.48
CA VAL B 315 -28.37 19.14 2.44
C VAL B 315 -29.61 18.64 1.69
N GLN B 316 -29.51 17.47 1.05
CA GLN B 316 -30.64 16.76 0.38
C GLN B 316 -31.78 16.56 1.38
#